data_5DD7
#
_entry.id   5DD7
#
_cell.length_a   86.960
_cell.length_b   93.290
_cell.length_c   73.480
_cell.angle_alpha   90.000
_cell.angle_beta   90.000
_cell.angle_gamma   90.000
#
_symmetry.space_group_name_H-M   'P 21 21 2'
#
loop_
_entity.id
_entity.type
_entity.pdbx_description
1 polymer 'Thiamine-monophosphate kinase'
2 non-polymer 'PHOSPHOAMINOPHOSPHONIC ACID-ADENYLATE ESTER'
3 non-polymer 'MAGNESIUM ION'
4 non-polymer 'POTASSIUM ION'
5 non-polymer 1,2-ETHANEDIOL
6 non-polymer 'THIAMIN PHOSPHATE'
7 water water
#
_entity_poly.entity_id   1
_entity_poly.type   'polypeptide(L)'
_entity_poly.pdbx_seq_one_letter_code
;MAHHHHHHMAEFSIIDQYFNRQSHPDVALGIGDDSALITPPPNQQLVICADTLVAGRHFPLETSPHAIGWKSVAVNLSDI
AAMGAKPHSILLAISLPQVDHEWLEGFSQGIYDCCNQFGVALIGGDTTQGPHLTITVTAMGWIETGKAVLRSGAKVGDYV
CVSGQIGDAAYGLQHLGHSLQQRLDYPTPRCKLGEELKGLASSMIDVSDGLAQDLGHILKASKVGARLILEKLPVDPVLQ
QIEEQQRWQYALAGGDDYELCFTITPQNYEKLLQKQLDVKITMIGQIVEQTKLTFEHLGSDYPLQIHGYQHFAQQRW
;
_entity_poly.pdbx_strand_id   A,B
#
# COMPACT_ATOMS: atom_id res chain seq x y z
N MET A 9 -20.60 16.13 -1.43
CA MET A 9 -19.27 15.62 -1.75
C MET A 9 -18.74 14.68 -0.67
N ALA A 10 -18.99 13.41 -0.84
CA ALA A 10 -18.51 12.41 0.09
C ALA A 10 -17.46 11.53 -0.58
N GLU A 11 -17.12 10.44 0.10
CA GLU A 11 -16.00 9.56 -0.29
C GLU A 11 -16.04 9.19 -1.77
N PHE A 12 -17.17 8.67 -2.25
CA PHE A 12 -17.18 8.11 -3.61
C PHE A 12 -17.11 9.21 -4.66
N SER A 13 -17.72 10.37 -4.40
CA SER A 13 -17.59 11.49 -5.34
C SER A 13 -16.18 12.05 -5.33
N ILE A 14 -15.52 12.07 -4.18
CA ILE A 14 -14.11 12.48 -4.12
C ILE A 14 -13.26 11.61 -5.04
N ILE A 15 -13.43 10.30 -4.95
CA ILE A 15 -12.67 9.39 -5.82
C ILE A 15 -12.95 9.70 -7.28
N ASP A 16 -14.24 9.84 -7.63
CA ASP A 16 -14.60 10.09 -9.03
C ASP A 16 -14.09 11.43 -9.52
N GLN A 17 -14.14 12.46 -8.66
CA GLN A 17 -13.82 13.80 -9.14
C GLN A 17 -12.33 14.05 -9.23
N TYR A 18 -11.53 13.44 -8.36
CA TYR A 18 -10.12 13.78 -8.29
C TYR A 18 -9.17 12.64 -8.63
N PHE A 19 -9.56 11.38 -8.41
CA PHE A 19 -8.61 10.28 -8.45
C PHE A 19 -8.98 9.21 -9.48
N ASN A 20 -9.71 9.56 -10.53
CA ASN A 20 -10.24 8.54 -11.45
C ASN A 20 -10.00 8.93 -12.92
N ARG A 21 -8.81 9.39 -13.24
CA ARG A 21 -8.45 9.63 -14.64
C ARG A 21 -8.12 8.32 -15.33
N GLN A 22 -8.30 8.29 -16.66
CA GLN A 22 -7.94 7.10 -17.43
C GLN A 22 -6.45 6.83 -17.31
N SER A 23 -6.07 5.55 -17.35
CA SER A 23 -4.68 5.15 -17.26
C SER A 23 -4.04 5.02 -18.65
N HIS A 24 -2.72 4.84 -18.65
CA HIS A 24 -1.99 4.52 -19.86
C HIS A 24 -2.40 3.11 -20.33
N PRO A 25 -1.98 2.70 -21.54
CA PRO A 25 -2.51 1.44 -22.11
C PRO A 25 -2.50 0.21 -21.20
N ASP A 26 -1.52 0.07 -20.31
CA ASP A 26 -1.21 -1.28 -19.81
C ASP A 26 -1.87 -1.62 -18.47
N VAL A 27 -3.18 -1.39 -18.29
CA VAL A 27 -3.86 -1.71 -17.04
C VAL A 27 -5.11 -2.54 -17.34
N ALA A 28 -5.12 -3.80 -16.91
CA ALA A 28 -6.22 -4.70 -17.25
C ALA A 28 -7.52 -4.27 -16.58
N LEU A 29 -7.44 -3.84 -15.33
CA LEU A 29 -8.59 -3.30 -14.62
C LEU A 29 -8.10 -2.25 -13.64
N GLY A 30 -8.51 -1.01 -13.86
CA GLY A 30 -8.18 0.08 -12.97
C GLY A 30 -9.29 0.33 -11.99
N ILE A 31 -9.42 1.59 -11.58
CA ILE A 31 -10.29 1.97 -10.47
C ILE A 31 -11.75 1.59 -10.75
N GLY A 32 -12.42 1.06 -9.73
CA GLY A 32 -13.84 0.80 -9.79
C GLY A 32 -14.26 -0.55 -9.25
N ASP A 33 -13.30 -1.39 -8.92
CA ASP A 33 -13.62 -2.71 -8.40
C ASP A 33 -12.91 -2.90 -7.07
N ASP A 34 -13.09 -4.10 -6.49
CA ASP A 34 -12.51 -4.35 -5.17
C ASP A 34 -10.98 -4.36 -5.20
N SER A 35 -10.39 -4.86 -6.28
CA SER A 35 -8.95 -4.77 -6.52
C SER A 35 -8.72 -4.29 -7.95
N ALA A 36 -7.48 -3.91 -8.23
CA ALA A 36 -7.02 -3.66 -9.60
C ALA A 36 -6.39 -4.93 -10.17
N LEU A 37 -6.36 -5.01 -11.49
CA LEU A 37 -5.78 -6.15 -12.20
C LEU A 37 -4.67 -5.69 -13.13
N ILE A 38 -3.51 -6.36 -13.08
CA ILE A 38 -2.41 -6.08 -14.00
CA ILE A 38 -2.42 -6.09 -14.00
C ILE A 38 -1.99 -7.39 -14.65
N THR A 39 -1.95 -7.39 -15.98
CA THR A 39 -1.35 -8.52 -16.70
C THR A 39 0.16 -8.33 -16.73
N PRO A 40 0.93 -9.21 -16.10
CA PRO A 40 2.39 -9.03 -16.05
C PRO A 40 3.00 -9.04 -17.44
N PRO A 41 3.93 -8.12 -17.70
CA PRO A 41 4.76 -8.26 -18.89
C PRO A 41 5.60 -9.52 -18.79
N PRO A 42 5.87 -10.17 -19.92
CA PRO A 42 6.56 -11.46 -19.85
C PRO A 42 8.00 -11.28 -19.39
N ASN A 43 8.49 -12.31 -18.68
CA ASN A 43 9.90 -12.41 -18.29
C ASN A 43 10.31 -11.34 -17.30
N GLN A 44 9.36 -10.88 -16.48
CA GLN A 44 9.65 -9.83 -15.51
C GLN A 44 9.06 -10.21 -14.16
N GLN A 45 9.74 -9.75 -13.13
CA GLN A 45 9.30 -9.89 -11.75
C GLN A 45 8.60 -8.61 -11.30
N LEU A 46 7.60 -8.78 -10.43
CA LEU A 46 6.96 -7.63 -9.81
C LEU A 46 7.85 -7.02 -8.74
N VAL A 47 7.95 -5.70 -8.76
CA VAL A 47 8.70 -4.90 -7.79
C VAL A 47 7.70 -4.04 -7.04
N ILE A 48 7.65 -4.17 -5.71
CA ILE A 48 6.56 -3.52 -4.98
C ILE A 48 7.05 -2.95 -3.67
N CYS A 49 6.55 -1.75 -3.35
CA CYS A 49 6.99 -1.03 -2.17
C CYS A 49 5.86 -0.12 -1.70
N ALA A 50 5.95 0.33 -0.46
CA ALA A 50 5.00 1.31 0.05
C ALA A 50 5.69 2.19 1.07
N ASP A 51 5.38 3.49 1.03
CA ASP A 51 5.90 4.46 1.98
C ASP A 51 4.79 5.43 2.37
N THR A 52 4.74 5.76 3.67
CA THR A 52 3.73 6.63 4.26
C THR A 52 4.29 8.04 4.47
N LEU A 53 3.45 9.05 4.26
CA LEU A 53 3.78 10.45 4.56
C LEU A 53 2.75 10.98 5.56
N VAL A 54 3.25 11.50 6.69
CA VAL A 54 2.40 12.02 7.76
C VAL A 54 2.57 13.53 7.79
N ALA A 55 1.47 14.27 7.66
CA ALA A 55 1.56 15.72 7.66
C ALA A 55 2.24 16.24 8.92
N GLY A 56 3.16 17.19 8.74
CA GLY A 56 3.92 17.74 9.84
C GLY A 56 5.11 16.92 10.24
N ARG A 57 5.21 15.68 9.78
CA ARG A 57 6.39 14.86 10.01
C ARG A 57 7.20 14.66 8.74
N HIS A 58 6.54 14.25 7.65
CA HIS A 58 7.21 14.08 6.37
C HIS A 58 7.17 15.34 5.51
N PHE A 59 6.40 16.34 5.90
CA PHE A 59 6.41 17.60 5.18
C PHE A 59 5.89 18.68 6.12
N PRO A 60 6.39 19.90 5.99
CA PRO A 60 5.84 21.02 6.77
C PRO A 60 4.33 21.12 6.58
N LEU A 61 3.63 21.52 7.64
CA LEU A 61 2.17 21.55 7.59
C LEU A 61 1.65 22.44 6.47
N GLU A 62 2.37 23.51 6.16
CA GLU A 62 1.94 24.48 5.17
C GLU A 62 2.39 24.12 3.75
N THR A 63 2.94 22.94 3.55
CA THR A 63 3.33 22.52 2.20
C THR A 63 2.14 22.60 1.26
N SER A 64 2.37 23.07 0.05
CA SER A 64 1.29 23.20 -0.92
C SER A 64 0.71 21.82 -1.23
N PRO A 65 -0.60 21.72 -1.46
CA PRO A 65 -1.17 20.40 -1.77
C PRO A 65 -0.55 19.75 -3.00
N HIS A 66 -0.20 20.54 -4.01
CA HIS A 66 0.47 20.00 -5.18
C HIS A 66 1.78 19.33 -4.80
N ALA A 67 2.58 19.98 -3.96
CA ALA A 67 3.86 19.39 -3.57
C ALA A 67 3.66 18.14 -2.70
N ILE A 68 2.63 18.13 -1.86
CA ILE A 68 2.31 16.92 -1.10
C ILE A 68 2.01 15.76 -2.06
N GLY A 69 1.16 16.01 -3.06
CA GLY A 69 0.82 14.95 -4.01
C GLY A 69 2.03 14.46 -4.79
N TRP A 70 2.84 15.40 -5.30
CA TRP A 70 4.05 15.06 -6.03
C TRP A 70 4.97 14.18 -5.19
N LYS A 71 5.31 14.64 -3.99
CA LYS A 71 6.27 13.89 -3.18
C LYS A 71 5.71 12.54 -2.75
N SER A 72 4.41 12.45 -2.50
CA SER A 72 3.82 11.17 -2.11
C SER A 72 4.12 10.11 -3.17
N VAL A 73 4.08 10.49 -4.44
CA VAL A 73 4.43 9.56 -5.51
C VAL A 73 5.94 9.42 -5.62
N ALA A 74 6.65 10.54 -5.64
CA ALA A 74 8.08 10.52 -5.93
C ALA A 74 8.85 9.63 -4.97
N VAL A 75 8.54 9.67 -3.67
CA VAL A 75 9.36 8.89 -2.73
C VAL A 75 9.18 7.40 -2.98
N ASN A 76 8.02 7.01 -3.52
CA ASN A 76 7.80 5.61 -3.79
C ASN A 76 8.42 5.18 -5.11
N LEU A 77 8.35 6.03 -6.12
CA LEU A 77 9.07 5.73 -7.36
C LEU A 77 10.58 5.61 -7.09
N SER A 78 11.08 6.35 -6.11
CA SER A 78 12.49 6.27 -5.77
C SER A 78 12.87 4.85 -5.29
N ASP A 79 11.97 4.18 -4.56
CA ASP A 79 12.29 2.82 -4.11
C ASP A 79 12.18 1.81 -5.24
N ILE A 80 11.38 2.09 -6.28
CA ILE A 80 11.39 1.24 -7.46
C ILE A 80 12.70 1.42 -8.22
N ALA A 81 13.09 2.68 -8.41
CA ALA A 81 14.36 2.99 -9.08
C ALA A 81 15.54 2.40 -8.34
N ALA A 82 15.46 2.33 -7.01
CA ALA A 82 16.55 1.80 -6.20
C ALA A 82 16.79 0.32 -6.43
N MET A 83 15.87 -0.38 -7.09
CA MET A 83 16.07 -1.78 -7.46
C MET A 83 16.53 -1.94 -8.91
N GLY A 84 16.63 -0.85 -9.66
CA GLY A 84 16.91 -0.95 -11.08
C GLY A 84 15.71 -1.18 -11.94
N ALA A 85 14.50 -1.03 -11.39
CA ALA A 85 13.27 -1.46 -12.03
C ALA A 85 12.58 -0.28 -12.71
N LYS A 86 11.62 -0.61 -13.57
CA LYS A 86 10.81 0.39 -14.25
C LYS A 86 9.45 0.50 -13.57
N PRO A 87 9.07 1.67 -13.09
CA PRO A 87 7.76 1.82 -12.44
C PRO A 87 6.63 1.71 -13.44
N HIS A 88 5.49 1.25 -12.93
CA HIS A 88 4.32 0.94 -13.76
C HIS A 88 3.05 1.60 -13.20
N SER A 89 2.76 1.39 -11.92
CA SER A 89 1.49 1.85 -11.36
CA SER A 89 1.48 1.79 -11.35
C SER A 89 1.62 2.10 -9.88
N ILE A 90 0.64 2.81 -9.33
CA ILE A 90 0.58 3.08 -7.90
C ILE A 90 -0.84 2.85 -7.39
N LEU A 91 -0.93 2.62 -6.09
CA LEU A 91 -2.17 2.73 -5.32
C LEU A 91 -2.03 3.91 -4.37
N LEU A 92 -3.14 4.58 -4.10
CA LEU A 92 -3.13 5.77 -3.25
C LEU A 92 -4.09 5.57 -2.08
N ALA A 93 -3.55 5.47 -0.86
CA ALA A 93 -4.38 5.39 0.34
C ALA A 93 -4.28 6.73 1.08
N ILE A 94 -5.37 7.47 1.17
CA ILE A 94 -5.32 8.80 1.77
C ILE A 94 -6.35 8.89 2.89
N SER A 95 -5.91 9.40 4.03
CA SER A 95 -6.79 9.69 5.15
CA SER A 95 -6.79 9.69 5.15
C SER A 95 -6.87 11.20 5.32
N LEU A 96 -8.07 11.76 5.17
CA LEU A 96 -8.30 13.21 5.16
C LEU A 96 -9.06 13.64 6.41
N PRO A 97 -8.63 14.71 7.08
CA PRO A 97 -9.45 15.26 8.16
C PRO A 97 -10.70 15.96 7.65
N GLN A 98 -10.61 16.69 6.54
CA GLN A 98 -11.74 17.44 6.02
C GLN A 98 -11.77 17.31 4.50
N VAL A 99 -12.94 17.62 3.93
CA VAL A 99 -13.08 17.70 2.47
C VAL A 99 -12.91 19.14 2.05
N ASP A 100 -11.89 19.41 1.25
CA ASP A 100 -11.54 20.76 0.80
C ASP A 100 -11.29 20.66 -0.70
N HIS A 101 -12.19 21.21 -1.51
CA HIS A 101 -12.11 21.00 -2.95
C HIS A 101 -10.81 21.56 -3.52
N GLU A 102 -10.41 22.77 -3.10
CA GLU A 102 -9.18 23.36 -3.63
C GLU A 102 -7.96 22.55 -3.25
N TRP A 103 -7.92 22.03 -2.01
CA TRP A 103 -6.82 21.17 -1.62
C TRP A 103 -6.79 19.90 -2.47
N LEU A 104 -7.95 19.28 -2.66
CA LEU A 104 -8.03 18.04 -3.43
C LEU A 104 -7.64 18.26 -4.89
N GLU A 105 -8.08 19.39 -5.47
CA GLU A 105 -7.67 19.73 -6.83
C GLU A 105 -6.15 19.75 -6.95
N GLY A 106 -5.48 20.47 -6.05
CA GLY A 106 -4.03 20.59 -6.14
C GLY A 106 -3.29 19.31 -5.80
N PHE A 107 -3.74 18.61 -4.76
CA PHE A 107 -3.09 17.36 -4.38
C PHE A 107 -3.19 16.34 -5.50
N SER A 108 -4.40 16.16 -6.07
CA SER A 108 -4.53 15.21 -7.16
C SER A 108 -3.71 15.65 -8.36
N GLN A 109 -3.63 16.97 -8.62
CA GLN A 109 -2.78 17.44 -9.71
C GLN A 109 -1.32 17.07 -9.46
N GLY A 110 -0.88 17.17 -8.21
CA GLY A 110 0.48 16.78 -7.88
C GLY A 110 0.71 15.28 -8.07
N ILE A 111 -0.25 14.45 -7.63
CA ILE A 111 -0.18 13.01 -7.88
C ILE A 111 0.01 12.74 -9.37
N TYR A 112 -0.88 13.33 -10.19
CA TYR A 112 -0.88 13.01 -11.61
C TYR A 112 0.31 13.63 -12.32
N ASP A 113 0.79 14.80 -11.87
CA ASP A 113 1.97 15.37 -12.52
C ASP A 113 3.18 14.46 -12.34
N CYS A 114 3.33 13.86 -11.16
CA CYS A 114 4.44 12.94 -10.96
C CYS A 114 4.24 11.66 -11.74
N CYS A 115 3.04 11.07 -11.65
CA CYS A 115 2.75 9.87 -12.42
C CYS A 115 3.00 10.09 -13.91
N ASN A 116 2.51 11.19 -14.47
CA ASN A 116 2.65 11.43 -15.90
C ASN A 116 4.10 11.64 -16.31
N GLN A 117 4.90 12.26 -15.44
CA GLN A 117 6.31 12.48 -15.75
C GLN A 117 7.05 11.16 -15.93
N PHE A 118 6.66 10.13 -15.19
CA PHE A 118 7.41 8.88 -15.18
C PHE A 118 6.61 7.71 -15.75
N GLY A 119 5.51 7.98 -16.44
CA GLY A 119 4.76 6.96 -17.14
C GLY A 119 4.05 5.97 -16.24
N VAL A 120 3.46 6.46 -15.14
CA VAL A 120 2.88 5.63 -14.11
C VAL A 120 1.37 5.87 -14.06
N ALA A 121 0.61 4.80 -13.84
CA ALA A 121 -0.84 4.89 -13.74
C ALA A 121 -1.30 4.75 -12.30
N LEU A 122 -2.34 5.49 -11.94
CA LEU A 122 -2.98 5.35 -10.63
C LEU A 122 -4.15 4.40 -10.80
N ILE A 123 -4.05 3.21 -10.23
CA ILE A 123 -4.98 2.14 -10.58
C ILE A 123 -5.87 1.72 -9.41
N GLY A 124 -5.71 2.33 -8.24
CA GLY A 124 -6.54 1.95 -7.11
C GLY A 124 -6.09 2.68 -5.86
N GLY A 125 -6.75 2.35 -4.76
CA GLY A 125 -6.40 2.96 -3.49
C GLY A 125 -7.56 2.86 -2.51
N ASP A 126 -7.54 3.77 -1.54
CA ASP A 126 -8.53 3.81 -0.48
C ASP A 126 -8.62 5.22 0.04
N THR A 127 -9.83 5.64 0.36
CA THR A 127 -10.11 6.98 0.87
C THR A 127 -10.83 6.86 2.20
N THR A 128 -10.31 7.52 3.22
CA THR A 128 -10.90 7.49 4.56
C THR A 128 -10.85 8.88 5.18
N GLN A 129 -11.72 9.09 6.17
CA GLN A 129 -11.59 10.22 7.07
C GLN A 129 -10.71 9.81 8.24
N GLY A 130 -9.86 10.73 8.68
CA GLY A 130 -9.01 10.50 9.83
C GLY A 130 -8.70 11.82 10.49
N PRO A 131 -8.23 11.78 11.74
CA PRO A 131 -7.97 13.04 12.46
C PRO A 131 -6.75 13.78 11.95
N HIS A 132 -5.89 13.15 11.16
CA HIS A 132 -4.63 13.72 10.77
C HIS A 132 -4.32 13.28 9.34
N LEU A 133 -3.83 14.22 8.52
CA LEU A 133 -3.59 13.90 7.12
C LEU A 133 -2.44 12.91 7.01
N THR A 134 -2.73 11.73 6.43
CA THR A 134 -1.77 10.66 6.28
C THR A 134 -1.96 10.04 4.90
N ILE A 135 -0.87 9.80 4.19
CA ILE A 135 -0.89 9.29 2.81
C ILE A 135 0.04 8.09 2.74
N THR A 136 -0.47 6.96 2.25
CA THR A 136 0.40 5.83 1.93
C THR A 136 0.23 5.48 0.47
N VAL A 137 1.29 5.58 -0.30
CA VAL A 137 1.28 5.20 -1.70
C VAL A 137 2.00 3.86 -1.82
N THR A 138 1.42 2.93 -2.57
CA THR A 138 2.09 1.69 -2.95
C THR A 138 2.54 1.84 -4.40
N ALA A 139 3.81 1.54 -4.68
CA ALA A 139 4.29 1.59 -6.05
C ALA A 139 4.60 0.18 -6.57
N MET A 140 4.32 -0.02 -7.85
CA MET A 140 4.54 -1.28 -8.53
CA MET A 140 4.54 -1.28 -8.52
C MET A 140 5.39 -1.05 -9.76
N GLY A 141 6.44 -1.85 -9.93
CA GLY A 141 7.26 -1.80 -11.12
C GLY A 141 7.58 -3.21 -11.58
N TRP A 142 8.33 -3.28 -12.69
CA TRP A 142 8.71 -4.56 -13.28
C TRP A 142 10.21 -4.55 -13.56
N ILE A 143 10.85 -5.71 -13.39
CA ILE A 143 12.27 -5.84 -13.69
C ILE A 143 12.52 -7.19 -14.34
N GLU A 144 13.43 -7.19 -15.31
CA GLU A 144 13.86 -8.45 -15.92
C GLU A 144 14.24 -9.44 -14.83
N THR A 145 13.66 -10.64 -14.91
CA THR A 145 13.79 -11.61 -13.83
C THR A 145 15.24 -11.81 -13.42
N GLY A 146 15.50 -11.69 -12.12
CA GLY A 146 16.82 -11.92 -11.55
C GLY A 146 17.78 -10.74 -11.61
N LYS A 147 17.42 -9.63 -12.26
CA LYS A 147 18.35 -8.52 -12.49
C LYS A 147 18.18 -7.38 -11.49
N ALA A 148 17.39 -7.55 -10.44
CA ALA A 148 17.25 -6.49 -9.45
C ALA A 148 18.61 -6.15 -8.81
N VAL A 149 18.80 -4.87 -8.50
CA VAL A 149 20.00 -4.40 -7.82
C VAL A 149 19.67 -4.33 -6.34
N LEU A 150 20.37 -5.13 -5.54
CA LEU A 150 20.02 -5.30 -4.14
C LEU A 150 20.92 -4.40 -3.28
N ARG A 151 20.59 -4.33 -1.98
CA ARG A 151 21.49 -3.67 -1.05
C ARG A 151 22.69 -4.53 -0.70
N SER A 152 22.58 -5.84 -0.89
CA SER A 152 23.73 -6.71 -0.84
C SER A 152 24.43 -6.67 -2.20
N GLY A 153 25.66 -7.15 -2.23
CA GLY A 153 26.39 -7.22 -3.49
C GLY A 153 27.57 -6.29 -3.61
N ALA A 154 27.73 -5.32 -2.71
CA ALA A 154 28.91 -4.48 -2.78
C ALA A 154 30.16 -5.28 -2.45
N LYS A 155 31.22 -5.07 -3.23
CA LYS A 155 32.48 -5.80 -3.10
C LYS A 155 33.63 -4.86 -2.84
N VAL A 156 34.65 -5.36 -2.13
CA VAL A 156 35.85 -4.56 -1.89
C VAL A 156 36.42 -4.10 -3.22
N GLY A 157 36.79 -2.83 -3.28
CA GLY A 157 37.30 -2.24 -4.49
C GLY A 157 36.26 -1.50 -5.31
N ASP A 158 34.97 -1.76 -5.08
CA ASP A 158 33.92 -1.04 -5.80
C ASP A 158 33.95 0.44 -5.42
N TYR A 159 33.68 1.29 -6.39
CA TYR A 159 33.45 2.71 -6.10
C TYR A 159 32.12 2.88 -5.37
N VAL A 160 32.07 3.86 -4.48
CA VAL A 160 30.80 4.36 -3.96
C VAL A 160 30.45 5.62 -4.74
N CYS A 161 29.22 5.69 -5.22
CA CYS A 161 28.77 6.80 -6.05
C CYS A 161 27.44 7.30 -5.54
N VAL A 162 27.14 8.56 -5.83
CA VAL A 162 25.80 9.08 -5.58
C VAL A 162 25.40 10.00 -6.73
N SER A 163 24.11 9.97 -7.05
CA SER A 163 23.58 10.84 -8.10
C SER A 163 23.25 12.22 -7.54
N GLY A 164 23.18 13.18 -8.46
CA GLY A 164 22.63 14.49 -8.13
C GLY A 164 23.44 15.22 -7.07
N GLN A 165 22.74 15.84 -6.14
CA GLN A 165 23.33 16.54 -5.02
C GLN A 165 22.73 16.03 -3.73
N ILE A 166 23.52 16.06 -2.65
CA ILE A 166 23.02 15.65 -1.34
C ILE A 166 23.11 16.83 -0.38
N GLY A 167 22.11 16.93 0.51
CA GLY A 167 22.05 17.99 1.49
C GLY A 167 21.10 19.12 1.14
N ASP A 168 20.64 19.20 -0.12
CA ASP A 168 19.78 20.32 -0.56
C ASP A 168 18.52 20.37 0.27
N ALA A 169 17.81 19.25 0.32
CA ALA A 169 16.50 19.20 0.98
C ALA A 169 16.63 19.47 2.46
N ALA A 170 17.71 18.99 3.08
CA ALA A 170 17.87 19.20 4.52
C ALA A 170 18.18 20.67 4.82
N TYR A 171 18.98 21.31 3.96
CA TYR A 171 19.16 22.76 4.08
C TYR A 171 17.83 23.47 3.85
N GLY A 172 17.08 23.05 2.83
CA GLY A 172 15.82 23.70 2.53
C GLY A 172 14.84 23.65 3.68
N LEU A 173 14.78 22.50 4.38
CA LEU A 173 13.84 22.36 5.48
C LEU A 173 14.12 23.35 6.60
N GLN A 174 15.39 23.63 6.87
CA GLN A 174 15.77 24.57 7.92
CA GLN A 174 15.70 24.57 7.93
C GLN A 174 15.75 26.01 7.43
N HIS A 175 15.72 26.22 6.11
CA HIS A 175 15.71 27.54 5.52
C HIS A 175 14.47 27.70 4.64
N LEU A 176 13.28 27.42 5.18
CA LEU A 176 12.08 27.48 4.36
C LEU A 176 11.96 28.88 3.74
N GLY A 177 11.59 28.92 2.46
CA GLY A 177 11.63 30.13 1.67
C GLY A 177 12.84 30.25 0.77
N HIS A 178 13.92 29.54 1.06
CA HIS A 178 15.08 29.51 0.19
C HIS A 178 14.75 28.69 -1.06
N SER A 179 15.47 28.98 -2.16
CA SER A 179 15.26 28.22 -3.39
CA SER A 179 15.22 28.22 -3.38
C SER A 179 15.44 26.73 -3.18
N LEU A 180 16.33 26.34 -2.27
CA LEU A 180 16.55 24.92 -2.04
C LEU A 180 15.36 24.24 -1.39
N GLN A 181 14.35 24.99 -0.90
CA GLN A 181 13.11 24.34 -0.48
C GLN A 181 12.48 23.55 -1.62
N GLN A 182 12.78 23.92 -2.88
CA GLN A 182 12.28 23.14 -4.01
C GLN A 182 12.75 21.69 -3.96
N ARG A 183 13.94 21.43 -3.41
CA ARG A 183 14.44 20.06 -3.32
C ARG A 183 13.78 19.29 -2.18
N LEU A 184 13.32 20.00 -1.15
CA LEU A 184 12.51 19.39 -0.12
C LEU A 184 11.13 19.04 -0.66
N ASP A 185 10.49 19.99 -1.32
CA ASP A 185 9.10 19.82 -1.73
C ASP A 185 8.97 18.92 -2.94
N TYR A 186 9.92 19.02 -3.87
CA TYR A 186 9.85 18.33 -5.16
C TYR A 186 11.13 17.55 -5.41
N PRO A 187 11.39 16.50 -4.63
CA PRO A 187 12.49 15.59 -4.98
C PRO A 187 12.25 14.95 -6.33
N THR A 188 13.33 14.59 -7.00
CA THR A 188 13.24 13.96 -8.32
C THR A 188 13.61 12.49 -8.17
N PRO A 189 12.68 11.55 -8.33
CA PRO A 189 13.08 10.15 -8.31
C PRO A 189 13.91 9.88 -9.56
N ARG A 190 15.00 9.15 -9.39
CA ARG A 190 15.96 9.00 -10.47
C ARG A 190 15.65 7.74 -11.28
N CYS A 191 14.47 7.79 -11.91
CA CYS A 191 13.89 6.60 -12.52
C CYS A 191 14.76 6.05 -13.65
N LYS A 192 15.15 6.91 -14.59
CA LYS A 192 15.93 6.43 -15.73
C LYS A 192 17.31 5.96 -15.28
N LEU A 193 17.94 6.70 -14.37
CA LEU A 193 19.26 6.27 -13.89
C LEU A 193 19.17 4.89 -13.25
N GLY A 194 18.15 4.67 -12.42
CA GLY A 194 17.96 3.36 -11.83
C GLY A 194 17.93 2.26 -12.87
N GLU A 195 17.16 2.49 -13.95
CA GLU A 195 17.11 1.51 -15.03
C GLU A 195 18.47 1.35 -15.70
N GLU A 196 19.21 2.46 -15.87
CA GLU A 196 20.50 2.37 -16.53
C GLU A 196 21.55 1.69 -15.66
N LEU A 197 21.27 1.55 -14.36
CA LEU A 197 22.20 0.90 -13.46
C LEU A 197 21.95 -0.60 -13.35
N LYS A 198 20.82 -1.08 -13.87
CA LYS A 198 20.62 -2.52 -13.97
C LYS A 198 21.75 -3.14 -14.77
N GLY A 199 22.39 -4.15 -14.21
CA GLY A 199 23.52 -4.77 -14.86
C GLY A 199 24.85 -4.05 -14.75
N LEU A 200 24.89 -2.87 -14.11
CA LEU A 200 26.14 -2.16 -13.87
C LEU A 200 26.43 -2.00 -12.39
N ALA A 201 25.45 -1.57 -11.59
CA ALA A 201 25.68 -1.37 -10.18
C ALA A 201 25.71 -2.71 -9.45
N SER A 202 26.65 -2.85 -8.52
CA SER A 202 26.75 -4.06 -7.70
C SER A 202 25.84 -4.01 -6.47
N SER A 203 25.41 -2.81 -6.07
CA SER A 203 24.42 -2.62 -5.01
C SER A 203 23.88 -1.21 -5.15
N MET A 204 22.74 -0.95 -4.50
CA MET A 204 22.10 0.36 -4.64
C MET A 204 21.05 0.53 -3.56
N ILE A 205 20.89 1.79 -3.13
CA ILE A 205 19.85 2.21 -2.21
C ILE A 205 19.49 3.65 -2.57
N ASP A 206 18.25 4.06 -2.30
CA ASP A 206 17.96 5.50 -2.46
C ASP A 206 18.13 6.22 -1.12
N VAL A 207 18.51 7.49 -1.21
CA VAL A 207 18.92 8.20 0.00
C VAL A 207 17.72 8.98 0.53
N SER A 208 16.88 8.29 1.29
CA SER A 208 15.74 8.91 1.93
C SER A 208 16.06 9.42 3.32
N ASP A 209 16.97 8.76 4.05
CA ASP A 209 17.22 9.08 5.44
C ASP A 209 18.54 9.78 5.67
N GLY A 210 19.45 9.76 4.71
CA GLY A 210 20.78 10.33 4.93
C GLY A 210 21.85 9.45 4.32
N LEU A 211 22.77 10.03 3.56
CA LEU A 211 23.73 9.20 2.82
C LEU A 211 24.47 8.22 3.73
N ALA A 212 24.99 8.70 4.87
CA ALA A 212 25.79 7.81 5.72
C ALA A 212 24.97 6.62 6.22
N GLN A 213 23.75 6.87 6.67
CA GLN A 213 22.94 5.78 7.19
C GLN A 213 22.46 4.86 6.09
N ASP A 214 22.06 5.42 4.96
CA ASP A 214 21.57 4.59 3.87
C ASP A 214 22.70 3.78 3.24
N LEU A 215 23.86 4.40 3.01
CA LEU A 215 25.02 3.60 2.64
C LEU A 215 25.28 2.53 3.68
N GLY A 216 25.07 2.84 4.96
CA GLY A 216 25.26 1.86 6.01
C GLY A 216 24.43 0.59 5.83
N HIS A 217 23.21 0.72 5.27
CA HIS A 217 22.41 -0.47 5.02
C HIS A 217 23.06 -1.37 3.98
N ILE A 218 23.66 -0.77 2.94
CA ILE A 218 24.43 -1.54 1.97
C ILE A 218 25.63 -2.19 2.64
N LEU A 219 26.37 -1.43 3.45
CA LEU A 219 27.56 -1.98 4.10
C LEU A 219 27.19 -3.17 4.96
N LYS A 220 26.08 -3.09 5.69
CA LYS A 220 25.70 -4.20 6.56
C LYS A 220 25.23 -5.40 5.76
N ALA A 221 24.42 -5.16 4.71
CA ALA A 221 23.92 -6.26 3.89
C ALA A 221 25.05 -6.93 3.12
N SER A 222 26.04 -6.14 2.68
CA SER A 222 27.16 -6.67 1.92
C SER A 222 28.34 -7.11 2.79
N LYS A 223 28.31 -6.84 4.09
CA LYS A 223 29.38 -7.25 5.03
C LYS A 223 30.73 -6.68 4.61
N VAL A 224 30.72 -5.40 4.25
CA VAL A 224 31.90 -4.65 3.84
C VAL A 224 31.85 -3.29 4.53
N GLY A 225 32.90 -2.49 4.33
CA GLY A 225 32.94 -1.13 4.81
C GLY A 225 33.16 -0.14 3.68
N ALA A 226 33.36 1.13 4.01
CA ALA A 226 33.60 2.15 3.00
C ALA A 226 34.40 3.30 3.59
N ARG A 227 35.23 3.91 2.75
CA ARG A 227 35.90 5.16 3.07
C ARG A 227 35.41 6.23 2.11
N LEU A 228 34.78 7.28 2.65
CA LEU A 228 34.27 8.36 1.83
C LEU A 228 35.19 9.56 1.88
N ILE A 229 35.25 10.28 0.77
CA ILE A 229 36.10 11.47 0.65
C ILE A 229 35.18 12.68 0.76
N LEU A 230 35.30 13.42 1.87
CA LEU A 230 34.29 14.45 2.17
C LEU A 230 34.28 15.55 1.13
N GLU A 231 35.45 15.95 0.62
CA GLU A 231 35.50 17.01 -0.40
C GLU A 231 34.99 16.55 -1.76
N LYS A 232 34.70 15.27 -1.94
CA LYS A 232 34.07 14.83 -3.17
C LYS A 232 32.54 14.82 -3.09
N LEU A 233 31.96 15.00 -1.91
CA LEU A 233 30.51 14.93 -1.80
C LEU A 233 29.87 16.01 -2.66
N PRO A 234 28.86 15.68 -3.46
CA PRO A 234 28.28 16.68 -4.38
C PRO A 234 27.27 17.55 -3.66
N VAL A 235 27.72 18.69 -3.15
CA VAL A 235 26.80 19.57 -2.41
C VAL A 235 26.59 20.83 -3.22
N ASP A 236 25.46 21.47 -2.96
CA ASP A 236 25.10 22.69 -3.65
C ASP A 236 26.12 23.78 -3.37
N PRO A 237 26.35 24.67 -4.33
CA PRO A 237 27.18 25.86 -4.04
C PRO A 237 26.81 26.56 -2.73
N VAL A 238 25.53 26.59 -2.36
CA VAL A 238 25.14 27.24 -1.12
C VAL A 238 25.79 26.54 0.07
N LEU A 239 25.79 25.21 0.04
CA LEU A 239 26.40 24.46 1.14
C LEU A 239 27.91 24.52 1.07
N GLN A 240 28.48 24.81 -0.09
CA GLN A 240 29.93 24.95 -0.18
C GLN A 240 30.42 26.17 0.58
N GLN A 241 29.53 27.11 0.92
CA GLN A 241 29.91 28.34 1.60
C GLN A 241 29.63 28.31 3.10
N ILE A 242 29.13 27.21 3.65
CA ILE A 242 28.86 27.13 5.08
C ILE A 242 29.96 26.30 5.73
N GLU A 243 30.10 26.47 7.05
CA GLU A 243 31.17 25.81 7.80
C GLU A 243 31.12 24.31 7.56
N GLU A 244 32.29 23.70 7.42
CA GLU A 244 32.35 22.35 6.85
C GLU A 244 31.69 21.31 7.74
N GLN A 245 31.78 21.46 9.07
CA GLN A 245 31.20 20.46 9.96
C GLN A 245 29.68 20.39 9.77
N GLN A 246 29.03 21.53 9.58
CA GLN A 246 27.60 21.50 9.32
C GLN A 246 27.30 21.13 7.87
N ARG A 247 28.19 21.50 6.94
CA ARG A 247 28.05 21.04 5.56
C ARG A 247 27.97 19.52 5.50
N TRP A 248 28.85 18.83 6.25
CA TRP A 248 28.81 17.36 6.28
C TRP A 248 27.53 16.85 6.91
N GLN A 249 27.01 17.55 7.92
CA GLN A 249 25.79 17.08 8.58
C GLN A 249 24.61 17.10 7.61
N TYR A 250 24.45 18.20 6.87
CA TYR A 250 23.39 18.24 5.86
C TYR A 250 23.61 17.15 4.82
N ALA A 251 24.84 17.03 4.31
CA ALA A 251 25.13 16.15 3.20
C ALA A 251 24.97 14.69 3.59
N LEU A 252 25.43 14.32 4.79
CA LEU A 252 25.51 12.92 5.17
C LEU A 252 24.40 12.47 6.08
N ALA A 253 23.75 13.38 6.82
CA ALA A 253 22.69 13.00 7.73
C ALA A 253 21.37 13.73 7.49
N GLY A 254 21.28 14.55 6.44
CA GLY A 254 20.09 15.35 6.26
C GLY A 254 18.88 14.56 5.83
N GLY A 255 19.07 13.63 4.90
CA GLY A 255 17.93 12.88 4.36
C GLY A 255 17.11 13.71 3.38
N ASP A 256 16.02 13.08 2.90
CA ASP A 256 15.11 13.68 1.93
C ASP A 256 15.76 13.95 0.58
N ASP A 257 16.91 13.35 0.30
CA ASP A 257 17.57 13.63 -0.98
C ASP A 257 16.88 12.92 -2.13
N TYR A 258 16.55 11.65 -1.93
CA TYR A 258 15.99 10.78 -2.96
C TYR A 258 16.89 10.73 -4.19
N GLU A 259 18.20 10.75 -3.92
CA GLU A 259 19.21 10.37 -4.90
C GLU A 259 19.52 8.89 -4.76
N LEU A 260 20.21 8.34 -5.75
CA LEU A 260 20.62 6.95 -5.71
C LEU A 260 22.08 6.88 -5.28
N CYS A 261 22.34 6.09 -4.24
CA CYS A 261 23.68 5.75 -3.80
C CYS A 261 23.95 4.31 -4.22
N PHE A 262 25.06 4.09 -4.92
CA PHE A 262 25.28 2.76 -5.48
C PHE A 262 26.78 2.46 -5.49
N THR A 263 27.08 1.18 -5.52
CA THR A 263 28.46 0.75 -5.70
C THR A 263 28.61 0.16 -7.10
N ILE A 264 29.84 0.20 -7.60
CA ILE A 264 30.08 -0.17 -9.00
C ILE A 264 31.57 -0.40 -9.14
N THR A 265 31.93 -1.41 -9.94
CA THR A 265 33.35 -1.62 -10.20
C THR A 265 33.90 -0.46 -11.02
N PRO A 266 35.21 -0.18 -10.91
CA PRO A 266 35.79 0.87 -11.75
C PRO A 266 35.51 0.65 -13.23
N GLN A 267 35.56 -0.60 -13.67
CA GLN A 267 35.31 -0.92 -15.07
C GLN A 267 33.88 -0.58 -15.47
N ASN A 268 32.91 -0.97 -14.64
CA ASN A 268 31.53 -0.65 -14.97
C ASN A 268 31.23 0.84 -14.82
N TYR A 269 31.97 1.53 -13.95
CA TYR A 269 31.83 2.98 -13.86
C TYR A 269 32.20 3.65 -15.17
N GLU A 270 33.29 3.20 -15.80
CA GLU A 270 33.65 3.72 -17.12
C GLU A 270 32.50 3.50 -18.12
N LYS A 271 31.91 2.32 -18.12
CA LYS A 271 30.76 2.07 -18.99
C LYS A 271 29.62 3.03 -18.69
N LEU A 272 29.32 3.25 -17.41
CA LEU A 272 28.20 4.12 -17.05
C LEU A 272 28.41 5.53 -17.56
N LEU A 273 29.64 6.04 -17.46
CA LEU A 273 29.91 7.40 -17.93
C LEU A 273 29.71 7.52 -19.44
N GLN A 274 29.86 6.43 -20.18
CA GLN A 274 29.63 6.47 -21.62
C GLN A 274 28.15 6.62 -21.97
N LYS A 275 27.25 6.40 -21.02
CA LYS A 275 25.83 6.56 -21.31
C LYS A 275 25.44 8.03 -21.23
N GLN A 276 24.34 8.36 -21.91
CA GLN A 276 23.71 9.67 -21.73
C GLN A 276 22.79 9.58 -20.54
N LEU A 277 23.16 10.22 -19.43
CA LEU A 277 22.36 10.20 -18.22
C LEU A 277 21.68 11.54 -18.01
N ASP A 278 20.53 11.52 -17.32
CA ASP A 278 19.75 12.73 -17.07
C ASP A 278 20.01 13.32 -15.69
N VAL A 279 21.09 12.92 -15.04
CA VAL A 279 21.47 13.42 -13.72
C VAL A 279 22.98 13.26 -13.61
N LYS A 280 23.61 14.10 -12.79
CA LYS A 280 25.04 13.89 -12.64
C LYS A 280 25.33 12.75 -11.68
N ILE A 281 26.52 12.20 -11.82
CA ILE A 281 27.02 11.08 -11.02
C ILE A 281 28.36 11.49 -10.43
N THR A 282 28.55 11.20 -9.15
CA THR A 282 29.81 11.55 -8.48
C THR A 282 30.35 10.34 -7.73
N MET A 283 31.64 10.04 -7.94
CA MET A 283 32.31 9.01 -7.16
C MET A 283 32.81 9.64 -5.86
N ILE A 284 32.39 9.09 -4.72
CA ILE A 284 32.62 9.72 -3.42
C ILE A 284 33.46 8.86 -2.50
N GLY A 285 33.94 7.72 -2.93
CA GLY A 285 34.70 6.84 -2.07
C GLY A 285 34.74 5.44 -2.64
N GLN A 286 35.13 4.49 -1.78
CA GLN A 286 35.42 3.12 -2.20
CA GLN A 286 35.22 3.13 -2.26
C GLN A 286 34.98 2.16 -1.11
N ILE A 287 34.56 0.96 -1.50
CA ILE A 287 34.27 -0.11 -0.57
C ILE A 287 35.57 -0.75 -0.11
N VAL A 288 35.67 -1.04 1.19
CA VAL A 288 36.87 -1.61 1.76
C VAL A 288 36.51 -2.85 2.56
N GLU A 289 37.55 -3.59 2.97
CA GLU A 289 37.34 -4.85 3.66
C GLU A 289 36.86 -4.64 5.10
N GLN A 290 37.49 -3.74 5.85
CA GLN A 290 37.11 -3.56 7.23
C GLN A 290 35.68 -3.03 7.31
N THR A 291 34.91 -3.56 8.25
CA THR A 291 33.47 -3.32 8.28
C THR A 291 33.13 -2.08 9.11
N LYS A 292 33.62 -0.93 8.63
CA LYS A 292 33.34 0.37 9.23
C LYS A 292 33.17 1.39 8.12
N LEU A 293 32.34 2.39 8.39
CA LEU A 293 32.25 3.59 7.54
C LEU A 293 33.13 4.67 8.13
N THR A 294 34.16 5.08 7.39
CA THR A 294 35.08 6.12 7.81
C THR A 294 35.13 7.24 6.78
N PHE A 295 35.66 8.38 7.22
CA PHE A 295 35.66 9.59 6.41
C PHE A 295 37.06 10.15 6.33
N GLU A 296 37.36 10.76 5.20
CA GLU A 296 38.65 11.36 4.96
C GLU A 296 38.43 12.76 4.40
N HIS A 297 39.26 13.70 4.83
CA HIS A 297 39.13 15.08 4.36
C HIS A 297 40.53 15.59 4.07
N LEU A 298 40.74 15.98 2.81
CA LEU A 298 42.02 16.56 2.39
C LEU A 298 43.18 15.66 2.76
N GLY A 299 42.99 14.35 2.57
CA GLY A 299 44.06 13.38 2.76
C GLY A 299 44.23 12.84 4.16
N SER A 300 43.44 13.31 5.13
CA SER A 300 43.57 12.88 6.51
C SER A 300 42.28 12.22 6.96
N ASP A 301 42.41 11.27 7.90
CA ASP A 301 41.24 10.73 8.57
C ASP A 301 40.45 11.87 9.21
N TYR A 302 39.13 11.78 9.14
CA TYR A 302 38.25 12.81 9.67
C TYR A 302 37.19 12.12 10.52
N PRO A 303 37.40 12.03 11.84
CA PRO A 303 36.37 11.46 12.70
C PRO A 303 35.09 12.28 12.66
N LEU A 304 33.96 11.59 12.57
CA LEU A 304 32.68 12.26 12.37
C LEU A 304 31.59 11.40 12.98
N GLN A 305 30.71 12.02 13.78
CA GLN A 305 29.57 11.35 14.39
C GLN A 305 28.31 11.77 13.64
N ILE A 306 27.68 10.81 12.97
CA ILE A 306 26.57 11.08 12.06
C ILE A 306 25.41 10.17 12.40
N HIS A 307 24.20 10.73 12.37
CA HIS A 307 22.97 9.96 12.57
C HIS A 307 21.93 10.41 11.56
N GLY A 308 21.53 9.50 10.67
CA GLY A 308 20.48 9.77 9.72
C GLY A 308 19.11 9.73 10.37
N TYR A 309 18.08 9.89 9.55
CA TYR A 309 16.73 9.99 10.06
C TYR A 309 16.21 8.60 10.41
N GLN A 310 15.66 8.48 11.63
CA GLN A 310 15.08 7.22 12.06
C GLN A 310 13.95 7.53 13.03
N HIS A 311 12.77 6.98 12.75
CA HIS A 311 11.63 7.21 13.63
C HIS A 311 11.88 6.63 15.02
N PHE A 312 11.31 7.31 16.02
CA PHE A 312 11.45 6.93 17.42
C PHE A 312 12.89 6.93 17.89
N ALA A 313 13.79 7.60 17.18
CA ALA A 313 15.20 7.66 17.61
C ALA A 313 15.44 8.88 18.47
N MET B 9 13.76 1.79 21.90
CA MET B 9 13.96 1.04 20.66
C MET B 9 13.39 1.81 19.48
N ALA B 10 14.14 1.84 18.38
CA ALA B 10 13.81 2.70 17.26
C ALA B 10 13.37 1.88 16.04
N GLU B 11 13.14 2.62 14.96
CA GLU B 11 12.41 2.12 13.79
C GLU B 11 12.95 0.79 13.28
N PHE B 12 14.26 0.71 13.01
CA PHE B 12 14.77 -0.48 12.35
C PHE B 12 14.77 -1.68 13.28
N SER B 13 15.06 -1.48 14.57
CA SER B 13 14.95 -2.58 15.53
C SER B 13 13.50 -3.04 15.66
N ILE B 14 12.54 -2.11 15.55
CA ILE B 14 11.12 -2.48 15.63
C ILE B 14 10.75 -3.42 14.49
N ILE B 15 11.16 -3.07 13.27
CA ILE B 15 10.90 -3.92 12.11
C ILE B 15 11.49 -5.31 12.35
N ASP B 16 12.74 -5.38 12.80
CA ASP B 16 13.38 -6.68 13.00
C ASP B 16 12.72 -7.45 14.14
N GLN B 17 12.28 -6.74 15.17
CA GLN B 17 11.74 -7.40 16.35
C GLN B 17 10.36 -8.00 16.07
N TYR B 18 9.54 -7.31 15.28
CA TYR B 18 8.13 -7.68 15.16
C TYR B 18 7.65 -8.02 13.76
N PHE B 19 8.29 -7.48 12.71
CA PHE B 19 7.74 -7.57 11.37
C PHE B 19 8.72 -8.20 10.39
N ASN B 20 9.54 -9.15 10.84
CA ASN B 20 10.60 -9.67 9.98
C ASN B 20 10.80 -11.16 10.20
N ARG B 21 9.70 -11.90 10.38
CA ARG B 21 9.78 -13.36 10.41
C ARG B 21 10.24 -13.87 9.04
N GLN B 22 10.84 -15.06 9.04
CA GLN B 22 11.50 -15.58 7.86
C GLN B 22 10.56 -15.61 6.67
N SER B 23 11.05 -15.15 5.52
CA SER B 23 10.19 -15.01 4.35
C SER B 23 9.90 -16.36 3.72
N HIS B 24 8.67 -16.50 3.24
CA HIS B 24 8.13 -17.55 2.37
C HIS B 24 9.18 -18.10 1.41
N PRO B 25 9.18 -19.41 1.14
CA PRO B 25 9.97 -19.90 0.00
C PRO B 25 9.47 -19.34 -1.31
N ASP B 26 8.18 -19.00 -1.38
CA ASP B 26 7.50 -18.53 -2.57
C ASP B 26 7.63 -17.01 -2.75
N VAL B 27 8.66 -16.38 -2.19
CA VAL B 27 8.86 -14.95 -2.34
C VAL B 27 10.28 -14.71 -2.82
N ALA B 28 10.43 -14.07 -3.98
CA ALA B 28 11.76 -13.93 -4.57
C ALA B 28 12.65 -13.02 -3.73
N LEU B 29 12.08 -11.96 -3.17
CA LEU B 29 12.83 -11.09 -2.27
C LEU B 29 11.87 -10.48 -1.26
N GLY B 30 12.05 -10.83 0.02
CA GLY B 30 11.24 -10.32 1.09
C GLY B 30 11.87 -9.12 1.77
N ILE B 31 11.48 -8.92 3.02
CA ILE B 31 11.87 -7.73 3.79
C ILE B 31 13.39 -7.56 3.83
N GLY B 32 13.83 -6.31 3.62
CA GLY B 32 15.24 -5.98 3.78
C GLY B 32 15.80 -5.05 2.72
N ASP B 33 15.07 -4.85 1.64
CA ASP B 33 15.55 -4.03 0.54
C ASP B 33 14.55 -2.92 0.27
N ASP B 34 14.82 -2.10 -0.76
CA ASP B 34 13.97 -0.94 -1.01
C ASP B 34 12.58 -1.33 -1.47
N SER B 35 12.48 -2.42 -2.23
CA SER B 35 11.21 -3.02 -2.61
C SER B 35 11.30 -4.52 -2.40
N ALA B 36 10.14 -5.16 -2.42
CA ALA B 36 10.03 -6.61 -2.49
C ALA B 36 9.92 -7.06 -3.94
N LEU B 37 10.27 -8.32 -4.19
CA LEU B 37 10.20 -8.92 -5.53
C LEU B 37 9.34 -10.18 -5.51
N ILE B 38 8.46 -10.32 -6.50
CA ILE B 38 7.63 -11.51 -6.65
CA ILE B 38 7.62 -11.51 -6.65
C ILE B 38 7.75 -12.01 -8.08
N THR B 39 7.96 -13.32 -8.24
CA THR B 39 7.98 -13.93 -9.55
C THR B 39 6.55 -14.37 -9.90
N PRO B 40 5.92 -13.82 -10.92
CA PRO B 40 4.51 -14.13 -11.19
C PRO B 40 4.35 -15.59 -11.59
N PRO B 41 3.29 -16.25 -11.13
CA PRO B 41 2.96 -17.55 -11.68
C PRO B 41 2.53 -17.40 -13.13
N PRO B 42 2.78 -18.40 -13.95
CA PRO B 42 2.44 -18.26 -15.38
C PRO B 42 0.94 -18.18 -15.58
N ASN B 43 0.55 -17.41 -16.61
CA ASN B 43 -0.82 -17.34 -17.10
C ASN B 43 -1.79 -16.81 -16.05
N GLN B 44 -1.31 -15.92 -15.18
CA GLN B 44 -2.13 -15.34 -14.14
C GLN B 44 -1.93 -13.83 -14.11
N GLN B 45 -2.98 -13.12 -13.70
CA GLN B 45 -2.91 -11.68 -13.51
C GLN B 45 -2.67 -11.35 -12.05
N LEU B 46 -1.97 -10.24 -11.81
CA LEU B 46 -1.78 -9.67 -10.48
C LEU B 46 -3.07 -8.98 -10.04
N VAL B 47 -3.48 -9.26 -8.80
CA VAL B 47 -4.67 -8.67 -8.17
C VAL B 47 -4.17 -7.89 -6.97
N ILE B 48 -4.43 -6.58 -6.92
CA ILE B 48 -3.82 -5.76 -5.87
C ILE B 48 -4.82 -4.74 -5.33
N CYS B 49 -4.77 -4.53 -4.01
CA CYS B 49 -5.72 -3.66 -3.33
C CYS B 49 -5.04 -3.11 -2.08
N ALA B 50 -5.60 -2.04 -1.53
CA ALA B 50 -5.08 -1.50 -0.27
C ALA B 50 -6.23 -0.84 0.49
N ASP B 51 -6.24 -1.03 1.82
CA ASP B 51 -7.28 -0.49 2.68
C ASP B 51 -6.63 0.01 3.98
N THR B 52 -7.08 1.19 4.42
CA THR B 52 -6.55 1.87 5.60
C THR B 52 -7.49 1.67 6.78
N LEU B 53 -6.92 1.47 7.97
CA LEU B 53 -7.66 1.44 9.21
C LEU B 53 -7.14 2.54 10.14
N VAL B 54 -8.05 3.40 10.59
CA VAL B 54 -7.74 4.51 11.48
C VAL B 54 -8.28 4.17 12.86
N ALA B 55 -7.42 4.26 13.88
CA ALA B 55 -7.87 3.98 15.24
C ALA B 55 -9.00 4.92 15.63
N GLY B 56 -10.05 4.34 16.23
CA GLY B 56 -11.21 5.10 16.65
C GLY B 56 -12.26 5.29 15.58
N ARG B 57 -11.91 5.08 14.30
CA ARG B 57 -12.87 5.13 13.22
C ARG B 57 -13.15 3.77 12.62
N HIS B 58 -12.11 2.97 12.35
CA HIS B 58 -12.30 1.61 11.86
C HIS B 58 -12.32 0.57 12.97
N PHE B 59 -11.93 0.93 14.18
CA PHE B 59 -12.09 0.02 15.30
C PHE B 59 -12.19 0.85 16.56
N PRO B 60 -12.87 0.36 17.60
CA PRO B 60 -12.87 1.07 18.88
C PRO B 60 -11.45 1.28 19.39
N LEU B 61 -11.24 2.42 20.06
CA LEU B 61 -9.89 2.77 20.52
C LEU B 61 -9.32 1.68 21.44
N GLU B 62 -10.18 1.01 22.19
CA GLU B 62 -9.76 0.00 23.15
C GLU B 62 -9.60 -1.39 22.54
N THR B 63 -9.71 -1.53 21.22
CA THR B 63 -9.61 -2.84 20.60
C THR B 63 -8.24 -3.45 20.89
N SER B 64 -8.21 -4.75 21.15
CA SER B 64 -6.95 -5.40 21.49
C SER B 64 -5.98 -5.32 20.33
N PRO B 65 -4.69 -5.20 20.59
CA PRO B 65 -3.73 -5.12 19.48
C PRO B 65 -3.77 -6.32 18.56
N HIS B 66 -4.01 -7.51 19.11
CA HIS B 66 -4.08 -8.70 18.26
C HIS B 66 -5.25 -8.58 17.29
N ALA B 67 -6.41 -8.13 17.76
CA ALA B 67 -7.55 -7.95 16.86
C ALA B 67 -7.28 -6.88 15.82
N ILE B 68 -6.56 -5.82 16.19
CA ILE B 68 -6.22 -4.79 15.20
C ILE B 68 -5.33 -5.39 14.11
N GLY B 69 -4.33 -6.18 14.49
CA GLY B 69 -3.49 -6.80 13.49
C GLY B 69 -4.25 -7.76 12.59
N TRP B 70 -5.08 -8.62 13.18
CA TRP B 70 -5.89 -9.55 12.41
C TRP B 70 -6.75 -8.81 11.38
N LYS B 71 -7.54 -7.84 11.86
CA LYS B 71 -8.48 -7.19 10.96
C LYS B 71 -7.76 -6.38 9.87
N SER B 72 -6.59 -5.80 10.18
CA SER B 72 -5.83 -5.07 9.17
C SER B 72 -5.53 -5.95 7.96
N VAL B 73 -5.18 -7.21 8.19
CA VAL B 73 -4.94 -8.15 7.10
C VAL B 73 -6.25 -8.63 6.50
N ALA B 74 -7.20 -9.00 7.37
CA ALA B 74 -8.44 -9.64 6.92
C ALA B 74 -9.21 -8.77 5.94
N VAL B 75 -9.33 -7.47 6.21
CA VAL B 75 -10.18 -6.65 5.33
C VAL B 75 -9.58 -6.56 3.95
N ASN B 76 -8.24 -6.70 3.85
CA ASN B 76 -7.59 -6.65 2.55
C ASN B 76 -7.63 -7.99 1.83
N LEU B 77 -7.48 -9.09 2.57
CA LEU B 77 -7.73 -10.39 1.94
C LEU B 77 -9.16 -10.47 1.39
N SER B 78 -10.12 -9.82 2.05
CA SER B 78 -11.51 -9.81 1.59
C SER B 78 -11.63 -9.22 0.19
N ASP B 79 -10.85 -8.18 -0.12
CA ASP B 79 -10.93 -7.56 -1.44
C ASP B 79 -10.24 -8.40 -2.51
N ILE B 80 -9.24 -9.22 -2.14
CA ILE B 80 -8.70 -10.21 -3.07
C ILE B 80 -9.75 -11.29 -3.34
N ALA B 81 -10.41 -11.76 -2.28
CA ALA B 81 -11.44 -12.80 -2.43
C ALA B 81 -12.61 -12.29 -3.28
N ALA B 82 -12.94 -11.00 -3.15
CA ALA B 82 -14.04 -10.42 -3.89
C ALA B 82 -13.82 -10.42 -5.40
N MET B 83 -12.59 -10.68 -5.85
CA MET B 83 -12.28 -10.82 -7.27
C MET B 83 -12.23 -12.27 -7.72
N GLY B 84 -12.34 -13.22 -6.79
CA GLY B 84 -12.19 -14.63 -7.12
C GLY B 84 -10.76 -15.10 -7.15
N ALA B 85 -9.84 -14.28 -6.64
CA ALA B 85 -8.41 -14.53 -6.75
C ALA B 85 -7.88 -15.19 -5.48
N LYS B 86 -6.66 -15.72 -5.59
CA LYS B 86 -5.98 -16.37 -4.47
C LYS B 86 -4.97 -15.42 -3.86
N PRO B 87 -5.05 -15.13 -2.57
CA PRO B 87 -4.11 -14.18 -1.98
C PRO B 87 -2.71 -14.76 -1.85
N HIS B 88 -1.73 -13.88 -1.93
CA HIS B 88 -0.34 -14.30 -1.98
C HIS B 88 0.52 -13.60 -0.92
N SER B 89 0.49 -12.27 -0.89
CA SER B 89 1.39 -11.53 0.00
CA SER B 89 1.41 -11.49 -0.05
C SER B 89 0.76 -10.19 0.38
N ILE B 90 1.34 -9.56 1.41
CA ILE B 90 0.89 -8.25 1.86
C ILE B 90 2.09 -7.36 2.14
N LEU B 91 1.85 -6.04 2.05
CA LEU B 91 2.73 -5.02 2.62
C LEU B 91 2.02 -4.38 3.80
N LEU B 92 2.79 -3.95 4.80
CA LEU B 92 2.24 -3.37 6.02
C LEU B 92 2.83 -1.99 6.23
N ALA B 93 2.01 -0.94 6.14
CA ALA B 93 2.46 0.42 6.46
C ALA B 93 1.77 0.84 7.75
N ILE B 94 2.55 1.02 8.81
CA ILE B 94 1.97 1.34 10.10
C ILE B 94 2.55 2.65 10.59
N SER B 95 1.67 3.54 11.06
CA SER B 95 2.08 4.79 11.70
CA SER B 95 2.07 4.79 11.70
C SER B 95 1.67 4.70 13.17
N LEU B 96 2.66 4.81 14.07
CA LEU B 96 2.53 4.63 15.51
C LEU B 96 2.77 5.93 16.25
N PRO B 97 1.94 6.29 17.23
CA PRO B 97 2.31 7.42 18.10
C PRO B 97 3.44 7.08 19.06
N GLN B 98 3.53 5.84 19.52
CA GLN B 98 4.48 5.48 20.56
C GLN B 98 4.98 4.06 20.32
N VAL B 99 6.14 3.75 20.88
CA VAL B 99 6.64 2.38 20.89
C VAL B 99 6.15 1.71 22.17
N ASP B 100 5.37 0.65 22.02
CA ASP B 100 4.85 -0.12 23.15
C ASP B 100 5.11 -1.59 22.81
N HIS B 101 6.06 -2.22 23.50
CA HIS B 101 6.44 -3.58 23.10
CA HIS B 101 6.45 -3.60 23.15
C HIS B 101 5.28 -4.55 23.27
N GLU B 102 4.51 -4.44 24.36
CA GLU B 102 3.38 -5.33 24.55
C GLU B 102 2.34 -5.14 23.45
N TRP B 103 2.08 -3.89 23.05
CA TRP B 103 1.15 -3.65 21.96
C TRP B 103 1.72 -4.20 20.65
N LEU B 104 3.00 -3.93 20.37
CA LEU B 104 3.57 -4.39 19.12
C LEU B 104 3.62 -5.91 19.05
N GLU B 105 3.85 -6.58 20.19
CA GLU B 105 3.89 -8.04 20.19
C GLU B 105 2.53 -8.62 19.84
N GLY B 106 1.46 -8.07 20.45
CA GLY B 106 0.12 -8.52 20.12
C GLY B 106 -0.29 -8.18 18.70
N PHE B 107 0.03 -6.97 18.25
CA PHE B 107 -0.37 -6.53 16.92
C PHE B 107 0.31 -7.37 15.84
N SER B 108 1.63 -7.56 15.98
CA SER B 108 2.34 -8.39 15.00
C SER B 108 1.87 -9.84 15.06
N GLN B 109 1.51 -10.34 16.26
CA GLN B 109 0.94 -11.68 16.35
C GLN B 109 -0.36 -11.79 15.56
N GLY B 110 -1.18 -10.74 15.60
CA GLY B 110 -2.43 -10.76 14.85
C GLY B 110 -2.21 -10.66 13.35
N ILE B 111 -1.25 -9.83 12.93
CA ILE B 111 -0.84 -9.79 11.52
C ILE B 111 -0.48 -11.20 11.05
N TYR B 112 0.44 -11.86 11.76
CA TYR B 112 0.94 -13.15 11.30
C TYR B 112 -0.09 -14.26 11.46
N ASP B 113 -0.89 -14.23 12.53
CA ASP B 113 -1.96 -15.21 12.66
C ASP B 113 -2.89 -15.19 11.46
N CYS B 114 -3.26 -13.99 10.98
CA CYS B 114 -4.13 -13.93 9.81
C CYS B 114 -3.40 -14.36 8.55
N CYS B 115 -2.18 -13.88 8.35
CA CYS B 115 -1.38 -14.32 7.21
C CYS B 115 -1.25 -15.84 7.19
N ASN B 116 -0.88 -16.43 8.33
CA ASN B 116 -0.66 -17.87 8.37
C ASN B 116 -1.94 -18.65 8.14
N GLN B 117 -3.08 -18.13 8.62
CA GLN B 117 -4.35 -18.82 8.41
C GLN B 117 -4.66 -18.98 6.93
N PHE B 118 -4.25 -18.03 6.10
CA PHE B 118 -4.64 -17.98 4.71
C PHE B 118 -3.47 -18.12 3.74
N GLY B 119 -2.31 -18.56 4.23
CA GLY B 119 -1.17 -18.86 3.38
C GLY B 119 -0.54 -17.66 2.70
N VAL B 120 -0.46 -16.54 3.41
CA VAL B 120 -0.01 -15.27 2.85
C VAL B 120 1.29 -14.88 3.52
N ALA B 121 2.19 -14.25 2.77
CA ALA B 121 3.48 -13.78 3.28
C ALA B 121 3.48 -12.28 3.49
N LEU B 122 4.15 -11.83 4.56
CA LEU B 122 4.40 -10.41 4.78
C LEU B 122 5.76 -10.08 4.19
N ILE B 123 5.80 -9.32 3.11
CA ILE B 123 7.02 -9.18 2.31
C ILE B 123 7.58 -7.77 2.32
N GLY B 124 6.94 -6.81 2.96
CA GLY B 124 7.46 -5.46 2.99
C GLY B 124 6.50 -4.53 3.70
N GLY B 125 6.85 -3.25 3.70
CA GLY B 125 6.02 -2.26 4.36
C GLY B 125 6.81 -1.01 4.68
N ASP B 126 6.25 -0.25 5.63
CA ASP B 126 6.86 1.01 6.06
C ASP B 126 6.45 1.25 7.49
N THR B 127 7.35 1.82 8.27
CA THR B 127 7.11 2.10 9.68
C THR B 127 7.39 3.57 9.91
N THR B 128 6.41 4.29 10.47
CA THR B 128 6.56 5.72 10.76
C THR B 128 6.02 6.03 12.14
N GLN B 129 6.52 7.13 12.71
CA GLN B 129 5.88 7.78 13.84
C GLN B 129 4.83 8.75 13.32
N GLY B 130 3.68 8.80 13.97
CA GLY B 130 2.65 9.76 13.64
C GLY B 130 1.80 10.03 14.86
N PRO B 131 0.97 11.08 14.83
CA PRO B 131 0.20 11.42 16.03
C PRO B 131 -0.97 10.49 16.30
N HIS B 132 -1.37 9.67 15.33
CA HIS B 132 -2.54 8.83 15.48
C HIS B 132 -2.28 7.47 14.88
N LEU B 133 -2.73 6.40 15.55
CA LEU B 133 -2.52 5.06 15.02
C LEU B 133 -3.27 4.87 13.71
N THR B 134 -2.53 4.61 12.63
CA THR B 134 -3.10 4.43 11.30
C THR B 134 -2.36 3.31 10.60
N ILE B 135 -3.10 2.39 9.97
CA ILE B 135 -2.53 1.20 9.35
C ILE B 135 -3.05 1.11 7.93
N THR B 136 -2.15 0.96 6.95
CA THR B 136 -2.58 0.63 5.60
C THR B 136 -1.90 -0.64 5.16
N VAL B 137 -2.68 -1.66 4.86
CA VAL B 137 -2.14 -2.90 4.31
C VAL B 137 -2.45 -2.94 2.83
N THR B 138 -1.46 -3.36 2.03
CA THR B 138 -1.66 -3.69 0.63
C THR B 138 -1.68 -5.19 0.50
N ALA B 139 -2.67 -5.74 -0.21
CA ALA B 139 -2.71 -7.17 -0.47
C ALA B 139 -2.48 -7.45 -1.95
N MET B 140 -1.78 -8.55 -2.23
CA MET B 140 -1.48 -8.98 -3.57
CA MET B 140 -1.48 -8.99 -3.58
C MET B 140 -1.98 -10.41 -3.75
N GLY B 141 -2.66 -10.66 -4.86
CA GLY B 141 -3.12 -11.99 -5.20
C GLY B 141 -2.87 -12.29 -6.67
N TRP B 142 -3.22 -13.50 -7.08
CA TRP B 142 -3.08 -13.95 -8.45
C TRP B 142 -4.36 -14.65 -8.89
N ILE B 143 -4.71 -14.48 -10.16
CA ILE B 143 -5.89 -15.14 -10.69
C ILE B 143 -5.63 -15.55 -12.13
N GLU B 144 -6.21 -16.68 -12.52
CA GLU B 144 -6.19 -17.12 -13.91
C GLU B 144 -6.59 -15.97 -14.81
N THR B 145 -5.77 -15.69 -15.83
CA THR B 145 -5.95 -14.50 -16.63
C THR B 145 -7.35 -14.44 -17.25
N GLY B 146 -7.99 -13.28 -17.08
CA GLY B 146 -9.31 -13.05 -17.62
C GLY B 146 -10.47 -13.52 -16.78
N LYS B 147 -10.21 -14.23 -15.68
CA LYS B 147 -11.28 -14.89 -14.94
C LYS B 147 -11.73 -14.12 -13.72
N ALA B 148 -11.33 -12.86 -13.56
CA ALA B 148 -11.71 -12.13 -12.35
C ALA B 148 -13.21 -11.90 -12.32
N VAL B 149 -13.78 -11.94 -11.13
CA VAL B 149 -15.21 -11.70 -10.93
C VAL B 149 -15.39 -10.23 -10.64
N LEU B 150 -16.03 -9.52 -11.57
CA LEU B 150 -16.11 -8.07 -11.55
C LEU B 150 -17.41 -7.60 -10.94
N ARG B 151 -17.45 -6.35 -10.51
CA ARG B 151 -18.72 -5.80 -10.05
C ARG B 151 -19.71 -5.59 -11.19
N SER B 152 -19.23 -5.59 -12.43
CA SER B 152 -20.06 -5.21 -13.57
C SER B 152 -20.70 -6.39 -14.30
N GLY B 153 -20.58 -7.60 -13.78
CA GLY B 153 -21.07 -8.70 -14.60
C GLY B 153 -22.46 -9.25 -14.32
N ALA B 154 -23.25 -8.62 -13.46
CA ALA B 154 -24.56 -9.17 -13.10
C ALA B 154 -25.53 -9.09 -14.27
N LYS B 155 -26.39 -10.11 -14.39
CA LYS B 155 -27.34 -10.21 -15.50
C LYS B 155 -28.75 -10.45 -14.97
N VAL B 156 -29.74 -9.94 -15.71
CA VAL B 156 -31.13 -10.15 -15.31
C VAL B 156 -31.40 -11.64 -15.21
N GLY B 157 -32.10 -12.03 -14.15
CA GLY B 157 -32.35 -13.42 -13.87
C GLY B 157 -31.37 -14.07 -12.91
N ASP B 158 -30.20 -13.48 -12.71
CA ASP B 158 -29.25 -14.01 -11.74
C ASP B 158 -29.82 -13.92 -10.32
N TYR B 159 -29.55 -14.97 -9.53
CA TYR B 159 -29.76 -14.90 -8.09
C TYR B 159 -28.78 -13.91 -7.45
N VAL B 160 -29.25 -13.25 -6.39
CA VAL B 160 -28.37 -12.51 -5.48
C VAL B 160 -28.15 -13.38 -4.26
N CYS B 161 -26.87 -13.56 -3.88
CA CYS B 161 -26.50 -14.42 -2.78
C CYS B 161 -25.54 -13.69 -1.86
N VAL B 162 -25.49 -14.14 -0.61
CA VAL B 162 -24.49 -13.64 0.34
C VAL B 162 -24.02 -14.79 1.22
N SER B 163 -22.73 -14.75 1.57
CA SER B 163 -22.16 -15.77 2.43
C SER B 163 -22.37 -15.42 3.90
N GLY B 164 -22.34 -16.44 4.74
CA GLY B 164 -22.29 -16.25 6.19
C GLY B 164 -23.53 -15.57 6.72
N GLN B 165 -23.29 -14.60 7.61
CA GLN B 165 -24.34 -13.80 8.22
C GLN B 165 -24.00 -12.32 8.06
N ILE B 166 -25.04 -11.49 7.97
CA ILE B 166 -24.85 -10.05 7.86
C ILE B 166 -25.53 -9.37 9.04
N GLY B 167 -24.92 -8.29 9.53
CA GLY B 167 -25.42 -7.58 10.68
C GLY B 167 -24.75 -7.92 11.99
N ASP B 168 -23.93 -8.99 12.04
CA ASP B 168 -23.31 -9.40 13.30
C ASP B 168 -22.39 -8.31 13.84
N ALA B 169 -21.47 -7.83 13.00
CA ALA B 169 -20.46 -6.89 13.45
C ALA B 169 -21.08 -5.56 13.85
N ALA B 170 -22.12 -5.13 13.13
CA ALA B 170 -22.79 -3.88 13.47
C ALA B 170 -23.50 -3.96 14.80
N TYR B 171 -24.23 -5.06 15.05
CA TYR B 171 -24.77 -5.29 16.39
C TYR B 171 -23.67 -5.33 17.43
N GLY B 172 -22.56 -6.03 17.12
CA GLY B 172 -21.45 -6.10 18.04
C GLY B 172 -20.92 -4.73 18.45
N LEU B 173 -20.77 -3.82 17.48
CA LEU B 173 -20.27 -2.49 17.78
C LEU B 173 -21.19 -1.76 18.74
N GLN B 174 -22.50 -1.96 18.61
CA GLN B 174 -23.46 -1.29 19.47
C GLN B 174 -23.66 -2.01 20.80
N HIS B 175 -23.06 -3.19 20.96
CA HIS B 175 -23.21 -4.00 22.16
C HIS B 175 -21.84 -4.57 22.54
N LEU B 176 -20.85 -3.69 22.72
CA LEU B 176 -19.52 -4.14 23.07
C LEU B 176 -19.57 -5.01 24.32
N GLY B 177 -18.85 -6.13 24.30
CA GLY B 177 -18.92 -7.15 25.31
C GLY B 177 -19.73 -8.36 24.89
N HIS B 178 -20.72 -8.17 24.03
CA HIS B 178 -21.53 -9.27 23.51
C HIS B 178 -20.66 -10.19 22.65
N SER B 179 -21.05 -11.46 22.59
CA SER B 179 -20.26 -12.42 21.80
C SER B 179 -20.18 -12.01 20.34
N LEU B 180 -21.15 -11.25 19.84
CA LEU B 180 -21.10 -10.78 18.45
C LEU B 180 -20.03 -9.70 18.24
N GLN B 181 -19.44 -9.16 19.30
CA GLN B 181 -18.27 -8.31 19.12
C GLN B 181 -17.15 -9.05 18.40
N GLN B 182 -17.10 -10.38 18.52
CA GLN B 182 -16.05 -11.15 17.84
CA GLN B 182 -16.04 -11.12 17.84
C GLN B 182 -16.15 -11.02 16.33
N ARG B 183 -17.34 -10.75 15.80
CA ARG B 183 -17.49 -10.54 14.36
C ARG B 183 -17.04 -9.15 13.95
N LEU B 184 -17.10 -8.19 14.88
CA LEU B 184 -16.51 -6.88 14.64
C LEU B 184 -14.99 -6.96 14.68
N ASP B 185 -14.43 -7.59 15.71
CA ASP B 185 -12.99 -7.60 15.89
C ASP B 185 -12.31 -8.60 14.96
N TYR B 186 -12.95 -9.73 14.68
CA TYR B 186 -12.32 -10.81 13.92
C TYR B 186 -13.21 -11.24 12.77
N PRO B 187 -13.40 -10.37 11.76
CA PRO B 187 -14.09 -10.80 10.54
C PRO B 187 -13.30 -11.90 9.87
N THR B 188 -14.01 -12.76 9.13
CA THR B 188 -13.37 -13.86 8.44
C THR B 188 -13.34 -13.56 6.96
N PRO B 189 -12.20 -13.29 6.34
CA PRO B 189 -12.18 -13.12 4.89
C PRO B 189 -12.52 -14.46 4.23
N ARG B 190 -13.40 -14.43 3.23
CA ARG B 190 -13.93 -15.68 2.68
C ARG B 190 -13.07 -16.11 1.49
N CYS B 191 -11.82 -16.45 1.81
CA CYS B 191 -10.81 -16.65 0.76
C CYS B 191 -11.17 -17.83 -0.13
N LYS B 192 -11.46 -19.00 0.46
CA LYS B 192 -11.71 -20.18 -0.36
C LYS B 192 -13.00 -20.03 -1.15
N LEU B 193 -14.04 -19.45 -0.54
CA LEU B 193 -15.28 -19.22 -1.29
C LEU B 193 -15.04 -18.34 -2.50
N GLY B 194 -14.25 -17.27 -2.31
CA GLY B 194 -13.91 -16.41 -3.44
C GLY B 194 -13.29 -17.19 -4.58
N GLU B 195 -12.31 -18.05 -4.25
CA GLU B 195 -11.70 -18.90 -5.27
C GLU B 195 -12.71 -19.84 -5.91
N GLU B 196 -13.61 -20.42 -5.10
CA GLU B 196 -14.62 -21.32 -5.63
C GLU B 196 -15.64 -20.61 -6.50
N LEU B 197 -15.74 -19.29 -6.39
CA LEU B 197 -16.71 -18.56 -7.20
C LEU B 197 -16.14 -18.08 -8.54
N LYS B 198 -14.82 -18.16 -8.72
CA LYS B 198 -14.23 -17.95 -10.04
C LYS B 198 -14.90 -18.86 -11.06
N GLY B 199 -15.39 -18.27 -12.15
CA GLY B 199 -16.05 -19.03 -13.17
C GLY B 199 -17.48 -19.45 -12.88
N LEU B 200 -18.00 -19.13 -11.69
CA LEU B 200 -19.39 -19.39 -11.37
C LEU B 200 -20.18 -18.12 -11.11
N ALA B 201 -19.67 -17.22 -10.29
CA ALA B 201 -20.36 -15.97 -10.02
C ALA B 201 -20.23 -15.02 -11.21
N SER B 202 -21.35 -14.35 -11.53
CA SER B 202 -21.33 -13.36 -12.61
C SER B 202 -20.87 -11.99 -12.13
N SER B 203 -21.00 -11.69 -10.84
CA SER B 203 -20.47 -10.47 -10.25
C SER B 203 -20.26 -10.74 -8.76
N MET B 204 -19.47 -9.88 -8.11
CA MET B 204 -19.18 -10.08 -6.69
C MET B 204 -18.62 -8.79 -6.10
N ILE B 205 -18.93 -8.59 -4.82
CA ILE B 205 -18.33 -7.53 -4.01
C ILE B 205 -18.26 -8.06 -2.58
N ASP B 206 -17.30 -7.58 -1.78
CA ASP B 206 -17.34 -7.93 -0.37
C ASP B 206 -18.06 -6.84 0.42
N VAL B 207 -18.75 -7.27 1.47
CA VAL B 207 -19.70 -6.38 2.18
C VAL B 207 -18.95 -5.72 3.32
N SER B 208 -18.26 -4.63 2.98
CA SER B 208 -17.52 -3.84 3.96
C SER B 208 -18.31 -2.65 4.48
N ASP B 209 -19.19 -2.07 3.67
CA ASP B 209 -19.92 -0.87 4.04
C ASP B 209 -21.39 -1.11 4.36
N GLY B 210 -21.96 -2.23 3.94
CA GLY B 210 -23.38 -2.50 4.15
C GLY B 210 -23.94 -3.22 2.94
N LEU B 211 -24.73 -4.27 3.15
CA LEU B 211 -25.11 -5.11 2.02
C LEU B 211 -25.85 -4.32 0.96
N ALA B 212 -26.78 -3.44 1.35
CA ALA B 212 -27.55 -2.70 0.35
C ALA B 212 -26.67 -1.74 -0.44
N GLN B 213 -25.77 -1.02 0.24
CA GLN B 213 -24.90 -0.10 -0.48
C GLN B 213 -23.89 -0.85 -1.35
N ASP B 214 -23.32 -1.95 -0.83
CA ASP B 214 -22.34 -2.71 -1.61
C ASP B 214 -22.99 -3.45 -2.77
N LEU B 215 -24.14 -4.09 -2.54
CA LEU B 215 -24.91 -4.58 -3.68
C LEU B 215 -25.16 -3.47 -4.69
N GLY B 216 -25.47 -2.27 -4.20
CA GLY B 216 -25.70 -1.13 -5.08
C GLY B 216 -24.56 -0.84 -6.03
N HIS B 217 -23.30 -1.08 -5.62
CA HIS B 217 -22.19 -0.89 -6.54
C HIS B 217 -22.26 -1.87 -7.71
N ILE B 218 -22.64 -3.12 -7.43
CA ILE B 218 -22.83 -4.10 -8.50
C ILE B 218 -23.95 -3.66 -9.42
N LEU B 219 -25.07 -3.20 -8.85
CA LEU B 219 -26.21 -2.82 -9.67
C LEU B 219 -25.86 -1.68 -10.61
N LYS B 220 -25.13 -0.69 -10.11
CA LYS B 220 -24.76 0.43 -10.96
C LYS B 220 -23.73 0.02 -12.02
N ALA B 221 -22.74 -0.77 -11.61
CA ALA B 221 -21.72 -1.20 -12.56
C ALA B 221 -22.30 -2.11 -13.64
N SER B 222 -23.30 -2.92 -13.29
CA SER B 222 -23.91 -3.86 -14.22
C SER B 222 -25.14 -3.31 -14.93
N LYS B 223 -25.61 -2.12 -14.54
CA LYS B 223 -26.79 -1.49 -15.15
C LYS B 223 -28.04 -2.37 -14.99
N VAL B 224 -28.25 -2.85 -13.77
CA VAL B 224 -29.39 -3.70 -13.45
C VAL B 224 -29.93 -3.28 -12.08
N GLY B 225 -31.01 -3.93 -11.66
CA GLY B 225 -31.52 -3.73 -10.33
C GLY B 225 -31.64 -5.04 -9.57
N ALA B 226 -32.25 -5.00 -8.39
CA ALA B 226 -32.40 -6.21 -7.60
C ALA B 226 -33.62 -6.09 -6.70
N ARG B 227 -34.26 -7.24 -6.47
CA ARG B 227 -35.34 -7.34 -5.50
C ARG B 227 -34.91 -8.35 -4.45
N LEU B 228 -34.83 -7.91 -3.20
CA LEU B 228 -34.37 -8.75 -2.09
C LEU B 228 -35.54 -9.11 -1.19
N ILE B 229 -35.46 -10.31 -0.62
CA ILE B 229 -36.48 -10.83 0.28
C ILE B 229 -35.97 -10.67 1.70
N LEU B 230 -36.60 -9.77 2.47
CA LEU B 230 -36.06 -9.40 3.77
C LEU B 230 -35.98 -10.60 4.73
N GLU B 231 -37.02 -11.44 4.74
CA GLU B 231 -36.99 -12.56 5.67
C GLU B 231 -36.03 -13.67 5.24
N LYS B 232 -35.37 -13.55 4.09
CA LYS B 232 -34.33 -14.51 3.71
C LYS B 232 -32.94 -14.03 4.08
N LEU B 233 -32.79 -12.79 4.52
CA LEU B 233 -31.47 -12.31 4.89
C LEU B 233 -30.90 -13.17 6.03
N PRO B 234 -29.69 -13.68 5.90
CA PRO B 234 -29.13 -14.56 6.93
C PRO B 234 -28.60 -13.76 8.11
N VAL B 235 -29.36 -13.70 9.20
CA VAL B 235 -28.94 -12.94 10.36
C VAL B 235 -28.77 -13.89 11.52
N ASP B 236 -28.00 -13.45 12.51
CA ASP B 236 -27.76 -14.27 13.68
C ASP B 236 -29.06 -14.50 14.43
N PRO B 237 -29.22 -15.64 15.10
CA PRO B 237 -30.38 -15.83 15.98
C PRO B 237 -30.61 -14.67 16.94
N VAL B 238 -29.54 -14.02 17.40
CA VAL B 238 -29.72 -12.86 18.27
C VAL B 238 -30.50 -11.76 17.57
N LEU B 239 -30.19 -11.51 16.30
CA LEU B 239 -30.91 -10.47 15.57
C LEU B 239 -32.29 -10.92 15.13
N GLN B 240 -32.49 -12.23 14.99
CA GLN B 240 -33.84 -12.71 14.69
C GLN B 240 -34.79 -12.44 15.84
N GLN B 241 -34.26 -12.20 17.04
CA GLN B 241 -35.09 -11.95 18.22
C GLN B 241 -35.25 -10.47 18.53
N ILE B 242 -34.66 -9.58 17.76
CA ILE B 242 -34.85 -8.15 17.96
C ILE B 242 -35.92 -7.67 16.99
N GLU B 243 -36.37 -6.43 17.19
CA GLU B 243 -37.44 -5.87 16.38
C GLU B 243 -37.04 -5.87 14.91
N GLU B 244 -38.02 -6.14 14.03
CA GLU B 244 -37.74 -6.30 12.61
C GLU B 244 -37.05 -5.09 12.01
N GLN B 245 -37.47 -3.88 12.40
CA GLN B 245 -36.92 -2.68 11.77
C GLN B 245 -35.42 -2.56 12.04
N GLN B 246 -35.02 -2.77 13.29
CA GLN B 246 -33.61 -2.71 13.63
C GLN B 246 -32.85 -3.89 13.03
N ARG B 247 -33.50 -5.05 12.92
CA ARG B 247 -32.86 -6.20 12.30
C ARG B 247 -32.46 -5.90 10.86
N TRP B 248 -33.39 -5.32 10.06
CA TRP B 248 -33.04 -4.96 8.68
C TRP B 248 -31.96 -3.91 8.64
N GLN B 249 -32.00 -2.96 9.57
CA GLN B 249 -30.99 -1.91 9.62
C GLN B 249 -29.60 -2.51 9.78
N TYR B 250 -29.42 -3.40 10.77
CA TYR B 250 -28.13 -4.04 10.96
C TYR B 250 -27.73 -4.84 9.73
N ALA B 251 -28.66 -5.65 9.21
CA ALA B 251 -28.32 -6.55 8.13
C ALA B 251 -27.97 -5.79 6.84
N LEU B 252 -28.71 -4.73 6.53
CA LEU B 252 -28.57 -4.09 5.23
C LEU B 252 -27.63 -2.89 5.22
N ALA B 253 -27.44 -2.22 6.36
CA ALA B 253 -26.60 -1.03 6.43
C ALA B 253 -25.54 -1.11 7.51
N GLY B 254 -25.41 -2.25 8.19
CA GLY B 254 -24.46 -2.33 9.28
C GLY B 254 -23.02 -2.22 8.83
N GLY B 255 -22.65 -2.96 7.79
CA GLY B 255 -21.26 -3.00 7.35
C GLY B 255 -20.39 -3.82 8.29
N ASP B 256 -19.10 -3.85 7.96
CA ASP B 256 -18.10 -4.61 8.70
C ASP B 256 -18.32 -6.12 8.62
N ASP B 257 -19.14 -6.59 7.67
CA ASP B 257 -19.43 -8.02 7.61
C ASP B 257 -18.29 -8.80 7.00
N TYR B 258 -17.70 -8.28 5.92
CA TYR B 258 -16.65 -8.94 5.14
C TYR B 258 -17.12 -10.32 4.66
N GLU B 259 -18.41 -10.41 4.36
CA GLU B 259 -18.97 -11.50 3.60
C GLU B 259 -18.92 -11.17 2.12
N LEU B 260 -19.14 -12.17 1.28
CA LEU B 260 -19.18 -11.98 -0.16
C LEU B 260 -20.63 -11.94 -0.62
N CYS B 261 -20.97 -10.88 -1.34
CA CYS B 261 -22.25 -10.74 -2.02
C CYS B 261 -22.00 -10.97 -3.50
N PHE B 262 -22.74 -11.89 -4.12
CA PHE B 262 -22.44 -12.23 -5.50
C PHE B 262 -23.72 -12.55 -6.23
N THR B 263 -23.66 -12.47 -7.56
CA THR B 263 -24.76 -12.89 -8.42
C THR B 263 -24.34 -14.12 -9.21
N ILE B 264 -25.32 -14.94 -9.58
CA ILE B 264 -25.02 -16.25 -10.13
C ILE B 264 -26.28 -16.78 -10.81
N THR B 265 -26.13 -17.45 -11.95
CA THR B 265 -27.29 -18.06 -12.58
C THR B 265 -27.81 -19.20 -11.72
N PRO B 266 -29.11 -19.50 -11.81
CA PRO B 266 -29.64 -20.67 -11.09
C PRO B 266 -28.86 -21.94 -11.39
N GLN B 267 -28.45 -22.12 -12.64
CA GLN B 267 -27.71 -23.32 -13.03
C GLN B 267 -26.34 -23.35 -12.37
N ASN B 268 -25.63 -22.22 -12.39
CA ASN B 268 -24.35 -22.18 -11.70
C ASN B 268 -24.49 -22.22 -10.19
N TYR B 269 -25.62 -21.75 -9.67
CA TYR B 269 -25.88 -21.85 -8.24
C TYR B 269 -25.95 -23.31 -7.81
N GLU B 270 -26.64 -24.15 -8.59
CA GLU B 270 -26.70 -25.57 -8.28
C GLU B 270 -25.30 -26.19 -8.30
N LYS B 271 -24.45 -25.81 -9.26
CA LYS B 271 -23.08 -26.30 -9.26
C LYS B 271 -22.36 -25.87 -7.99
N LEU B 272 -22.53 -24.60 -7.59
CA LEU B 272 -21.89 -24.10 -6.37
C LEU B 272 -22.32 -24.87 -5.14
N LEU B 273 -23.62 -25.19 -5.05
CA LEU B 273 -24.14 -25.89 -3.87
C LEU B 273 -23.63 -27.33 -3.78
N GLN B 274 -23.13 -27.89 -4.88
CA GLN B 274 -22.55 -29.22 -4.85
C GLN B 274 -21.10 -29.22 -4.38
N LYS B 275 -20.49 -28.06 -4.18
CA LYS B 275 -19.11 -27.96 -3.74
C LYS B 275 -19.00 -28.05 -2.22
N GLN B 276 -17.80 -28.41 -1.75
CA GLN B 276 -17.49 -28.39 -0.33
C GLN B 276 -17.00 -26.99 0.04
N LEU B 277 -17.82 -26.24 0.75
CA LEU B 277 -17.53 -24.86 1.09
C LEU B 277 -17.34 -24.72 2.60
N ASP B 278 -16.55 -23.73 3.01
CA ASP B 278 -16.27 -23.53 4.42
C ASP B 278 -17.15 -22.44 5.04
N VAL B 279 -18.24 -22.07 4.36
CA VAL B 279 -19.14 -21.04 4.87
C VAL B 279 -20.50 -21.29 4.23
N LYS B 280 -21.56 -20.92 4.94
CA LYS B 280 -22.88 -21.10 4.35
C LYS B 280 -23.17 -20.00 3.31
N ILE B 281 -24.12 -20.32 2.44
CA ILE B 281 -24.49 -19.49 1.30
C ILE B 281 -26.01 -19.35 1.35
N THR B 282 -26.51 -18.13 1.17
CA THR B 282 -27.94 -17.90 1.17
C THR B 282 -28.35 -17.12 -0.08
N MET B 283 -29.40 -17.58 -0.75
CA MET B 283 -29.98 -16.83 -1.85
C MET B 283 -30.98 -15.85 -1.24
N ILE B 284 -30.80 -14.55 -1.53
CA ILE B 284 -31.55 -13.51 -0.86
C ILE B 284 -32.37 -12.66 -1.81
N GLY B 285 -32.30 -12.92 -3.11
CA GLY B 285 -33.07 -12.14 -4.06
C GLY B 285 -32.61 -12.43 -5.48
N GLN B 286 -32.95 -11.52 -6.38
CA GLN B 286 -32.59 -11.76 -7.77
CA GLN B 286 -32.75 -11.76 -7.80
C GLN B 286 -32.48 -10.43 -8.51
N ILE B 287 -31.68 -10.49 -9.57
CA ILE B 287 -31.39 -9.33 -10.40
C ILE B 287 -32.52 -9.11 -11.37
N VAL B 288 -32.98 -7.86 -11.48
CA VAL B 288 -34.11 -7.52 -12.32
C VAL B 288 -33.68 -6.42 -13.30
N GLU B 289 -34.51 -6.21 -14.32
CA GLU B 289 -34.14 -5.28 -15.38
C GLU B 289 -34.26 -3.84 -14.92
N GLN B 290 -35.28 -3.51 -14.12
CA GLN B 290 -35.43 -2.14 -13.68
C GLN B 290 -34.32 -1.78 -12.70
N THR B 291 -33.76 -0.58 -12.87
CA THR B 291 -32.53 -0.20 -12.18
C THR B 291 -32.86 0.44 -10.84
N LYS B 292 -33.43 -0.38 -9.96
CA LYS B 292 -33.73 0.02 -8.59
C LYS B 292 -33.50 -1.17 -7.66
N LEU B 293 -33.06 -0.89 -6.44
CA LEU B 293 -33.00 -1.88 -5.38
C LEU B 293 -34.28 -1.79 -4.54
N THR B 294 -35.09 -2.84 -4.58
CA THR B 294 -36.33 -2.86 -3.81
C THR B 294 -36.34 -4.06 -2.87
N PHE B 295 -37.26 -4.02 -1.92
CA PHE B 295 -37.34 -5.03 -0.88
C PHE B 295 -38.75 -5.57 -0.79
N GLU B 296 -38.83 -6.86 -0.48
CA GLU B 296 -40.06 -7.61 -0.37
C GLU B 296 -40.10 -8.25 1.01
N HIS B 297 -41.26 -8.21 1.66
CA HIS B 297 -41.43 -8.82 2.97
C HIS B 297 -42.78 -9.51 2.99
N LEU B 298 -42.77 -10.82 3.23
CA LEU B 298 -43.99 -11.61 3.28
C LEU B 298 -44.80 -11.51 1.98
N GLY B 299 -44.11 -11.36 0.85
CA GLY B 299 -44.76 -11.33 -0.44
C GLY B 299 -45.29 -9.99 -0.88
N SER B 300 -45.02 -8.91 -0.14
CA SER B 300 -45.47 -7.59 -0.51
C SER B 300 -44.29 -6.64 -0.58
N ASP B 301 -44.41 -5.61 -1.42
CA ASP B 301 -43.44 -4.54 -1.45
C ASP B 301 -43.25 -3.99 -0.05
N TYR B 302 -41.99 -3.72 0.31
CA TYR B 302 -41.65 -3.20 1.62
C TYR B 302 -40.75 -1.99 1.42
N PRO B 303 -41.34 -0.79 1.40
CA PRO B 303 -40.52 0.43 1.27
C PRO B 303 -39.54 0.54 2.42
N LEU B 304 -38.30 0.88 2.10
CA LEU B 304 -37.25 0.94 3.10
C LEU B 304 -36.16 1.88 2.63
N GLN B 305 -35.70 2.75 3.52
CA GLN B 305 -34.60 3.67 3.25
C GLN B 305 -33.44 3.29 4.16
N ILE B 306 -32.30 2.95 3.56
CA ILE B 306 -31.09 2.65 4.31
C ILE B 306 -29.91 3.27 3.56
N HIS B 307 -28.85 3.57 4.30
CA HIS B 307 -27.60 4.04 3.72
C HIS B 307 -26.46 3.34 4.43
N GLY B 308 -25.53 2.81 3.64
CA GLY B 308 -24.37 2.14 4.19
C GLY B 308 -23.32 3.13 4.65
N TYR B 309 -22.16 2.59 5.00
CA TYR B 309 -21.08 3.42 5.50
C TYR B 309 -20.38 4.14 4.36
N GLN B 310 -20.21 5.46 4.50
CA GLN B 310 -19.47 6.24 3.53
C GLN B 310 -18.79 7.40 4.24
N HIS B 311 -17.47 7.52 4.08
CA HIS B 311 -16.74 8.59 4.73
C HIS B 311 -17.24 9.95 4.26
N PHE B 312 -17.29 10.91 5.19
CA PHE B 312 -17.71 12.28 4.97
C PHE B 312 -19.17 12.41 4.56
N ALA B 313 -19.94 11.32 4.62
CA ALA B 313 -21.38 11.41 4.36
C ALA B 313 -22.10 11.80 5.63
#